data_4XHN
#
_entry.id   4XHN
#
_cell.length_a   55.443
_cell.length_b   71.412
_cell.length_c   114.094
_cell.angle_alpha   90.000
_cell.angle_beta   90.000
_cell.angle_gamma   90.000
#
_symmetry.space_group_name_H-M   'P 2 21 21'
#
loop_
_entity.id
_entity.type
_entity.pdbx_description
1 polymer 'Uncharacterized protein'
2 non-polymer 'MAGNESIUM ION'
3 non-polymer 'PHOSPHOAMINOPHOSPHONIC ACID-ADENYLATE ESTER'
4 water water
#
_entity_poly.entity_id   1
_entity_poly.type   'polypeptide(L)'
_entity_poly.pdbx_seq_one_letter_code
;MVEQMLSKNMLLGGFDTGNIKAKISFLNEKGNIESFAIPTVIAEAPPAKIDLKSAPSKKNDYVNEKDEDIELLHVRIISN
SLDGDARSRAWYVGAYAKDQEDRQEPTVDEMGKTEDKFSQKNKKLHLIPLFTSMAVAAARIGKEEVSVPFSGGMPIEDYK
LRGEEQILEMLYGEHTVEFLDGTYEGKKIKITINDGTMNVEGVSSVLAILFDIVNGEIVEVEGMDAEIGESYAINDLGAG
TSDNAFFEDGELNKKLSTNTDLGTNKYIDEILKNIKERFMENEILKSFMTDEIESPFKTREDFIQRLVMPEVEKMIEDDT
YKPTFSVKWGPVKENVTDIVMDGMLKYAEDQKASLDKFWDKTNADKNIVVGGGVLFGYAGLRDLKEQDGFILPKNIQESA
YFTSRSYLIANLLEQLNKEGVEA
;
_entity_poly.pdbx_strand_id   A
#
loop_
_chem_comp.id
_chem_comp.type
_chem_comp.name
_chem_comp.formula
ANP non-polymer 'PHOSPHOAMINOPHOSPHONIC ACID-ADENYLATE ESTER' 'C10 H17 N6 O12 P3'
MG non-polymer 'MAGNESIUM ION' 'Mg 2'
#
# COMPACT_ATOMS: atom_id res chain seq x y z
N LYS A 8 -0.70 10.18 -25.40
CA LYS A 8 -1.67 10.81 -24.50
C LYS A 8 -2.85 9.89 -24.29
N ASN A 9 -3.76 10.30 -23.40
CA ASN A 9 -4.88 9.46 -22.95
C ASN A 9 -4.39 8.09 -22.49
N MET A 10 -3.54 8.13 -21.47
CA MET A 10 -2.96 6.92 -20.88
C MET A 10 -2.74 7.14 -19.39
N LEU A 11 -3.02 6.12 -18.59
CA LEU A 11 -2.75 6.20 -17.17
C LEU A 11 -1.49 5.40 -16.84
N LEU A 12 -0.51 6.06 -16.23
CA LEU A 12 0.73 5.42 -15.87
C LEU A 12 0.85 5.27 -14.36
N GLY A 13 0.85 4.02 -13.90
CA GLY A 13 0.93 3.75 -12.48
C GLY A 13 1.67 2.50 -12.10
N GLY A 14 1.97 2.37 -10.82
CA GLY A 14 2.51 1.14 -10.25
C GLY A 14 1.48 0.63 -9.27
N PHE A 15 1.25 -0.68 -9.28
CA PHE A 15 0.17 -1.25 -8.50
C PHE A 15 0.66 -2.27 -7.48
N ASP A 16 0.40 -1.99 -6.21
CA ASP A 16 0.85 -2.83 -5.11
C ASP A 16 -0.34 -3.33 -4.31
N THR A 17 -0.68 -4.60 -4.49
CA THR A 17 -1.87 -5.16 -3.88
C THR A 17 -1.54 -6.16 -2.78
N GLY A 18 -2.45 -6.26 -1.81
CA GLY A 18 -2.31 -7.18 -0.71
C GLY A 18 -3.66 -7.49 -0.09
N ASN A 19 -3.65 -8.10 1.09
CA ASN A 19 -4.89 -8.43 1.79
C ASN A 19 -5.40 -7.26 2.61
N ILE A 20 -4.56 -6.25 2.80
CA ILE A 20 -4.96 -5.08 3.57
C ILE A 20 -5.46 -3.99 2.63
N LYS A 21 -4.56 -3.51 1.76
CA LYS A 21 -4.89 -2.42 0.86
C LYS A 21 -4.47 -2.71 -0.58
N ALA A 22 -5.10 -2.01 -1.51
CA ALA A 22 -4.60 -1.93 -2.87
C ALA A 22 -3.93 -0.58 -3.03
N LYS A 23 -2.61 -0.58 -3.16
CA LYS A 23 -1.87 0.68 -3.26
C LYS A 23 -1.56 1.03 -4.71
N ILE A 24 -1.68 2.32 -5.02
CA ILE A 24 -1.40 2.82 -6.36
C ILE A 24 -0.54 4.07 -6.29
N SER A 25 0.50 4.12 -7.13
CA SER A 25 1.24 5.34 -7.37
C SER A 25 1.18 5.64 -8.85
N PHE A 26 0.71 6.83 -9.20
CA PHE A 26 0.55 7.19 -10.61
C PHE A 26 1.05 8.61 -10.87
N LEU A 27 1.22 8.92 -12.15
CA LEU A 27 1.57 10.28 -12.55
C LEU A 27 0.32 11.12 -12.73
N ASN A 28 0.30 12.30 -12.11
CA ASN A 28 -0.81 13.22 -12.32
C ASN A 28 -0.55 14.14 -13.51
N GLU A 29 -1.35 15.19 -13.61
CA GLU A 29 -1.27 16.11 -14.75
C GLU A 29 0.02 16.92 -14.74
N LYS A 30 0.49 17.27 -13.55
CA LYS A 30 1.74 18.02 -13.43
C LYS A 30 2.93 17.09 -13.24
N GLY A 31 2.82 15.89 -13.80
CA GLY A 31 3.94 14.96 -13.90
C GLY A 31 4.55 14.45 -12.60
N ASN A 32 3.86 14.63 -11.49
CA ASN A 32 4.38 14.17 -10.20
C ASN A 32 3.70 12.90 -9.72
N ILE A 33 4.33 12.21 -8.78
CA ILE A 33 3.77 10.98 -8.25
C ILE A 33 2.68 11.27 -7.22
N GLU A 34 1.52 10.65 -7.45
CA GLU A 34 0.39 10.77 -6.54
C GLU A 34 0.02 9.37 -6.08
N SER A 35 -0.21 9.20 -4.78
CA SER A 35 -0.45 7.87 -4.24
C SER A 35 -1.66 7.82 -3.31
N PHE A 36 -2.41 6.72 -3.39
CA PHE A 36 -3.48 6.44 -2.44
C PHE A 36 -3.72 4.94 -2.34
N ALA A 37 -4.50 4.53 -1.35
CA ALA A 37 -4.76 3.12 -1.11
C ALA A 37 -6.24 2.84 -0.89
N ILE A 38 -6.77 1.89 -1.63
CA ILE A 38 -8.14 1.43 -1.42
C ILE A 38 -8.13 0.13 -0.64
N PRO A 39 -8.75 0.13 0.56
CA PRO A 39 -8.88 -1.07 1.38
C PRO A 39 -9.44 -2.24 0.60
N THR A 40 -8.87 -3.42 0.77
CA THR A 40 -9.31 -4.60 0.03
C THR A 40 -10.59 -5.15 0.65
N VAL A 41 -11.68 -4.42 0.44
CA VAL A 41 -13.01 -4.80 0.92
C VAL A 41 -14.04 -4.46 -0.14
N ILE A 42 -14.98 -5.37 -0.39
CA ILE A 42 -16.09 -5.06 -1.30
C ILE A 42 -17.42 -5.54 -0.73
N ALA A 43 -18.50 -5.02 -1.31
CA ALA A 43 -19.85 -5.44 -0.92
C ALA A 43 -20.83 -5.13 -2.05
N GLU A 44 -21.72 -6.06 -2.32
CA GLU A 44 -22.75 -5.88 -3.34
C GLU A 44 -23.58 -4.64 -3.02
N ALA A 45 -23.88 -3.86 -4.04
CA ALA A 45 -24.59 -2.61 -3.86
C ALA A 45 -25.75 -2.50 -4.84
N PRO A 46 -26.79 -1.72 -4.48
CA PRO A 46 -27.91 -1.56 -5.41
C PRO A 46 -27.47 -0.92 -6.72
N PRO A 47 -28.22 -1.13 -7.80
CA PRO A 47 -27.86 -0.57 -9.11
C PRO A 47 -27.75 0.96 -9.10
N ALA A 48 -28.19 1.61 -8.03
CA ALA A 48 -28.11 3.07 -7.94
C ALA A 48 -27.98 3.60 -6.52
N LYS A 49 -27.86 4.93 -6.44
CA LYS A 49 -27.56 5.69 -5.24
C LYS A 49 -28.60 5.57 -4.13
N ILE A 50 -28.19 5.82 -2.89
CA ILE A 50 -29.09 5.83 -1.75
C ILE A 50 -29.18 7.21 -1.13
N LYS A 66 -7.39 15.51 0.80
CA LYS A 66 -6.53 14.35 1.03
C LYS A 66 -7.33 13.06 0.94
N ASP A 67 -7.35 12.45 -0.25
CA ASP A 67 -8.06 11.21 -0.51
C ASP A 67 -9.55 11.31 -0.21
N GLU A 68 -10.14 12.46 -0.48
CA GLU A 68 -11.56 12.67 -0.28
C GLU A 68 -12.39 11.72 -1.14
N ASP A 69 -11.96 11.56 -2.38
CA ASP A 69 -12.75 10.87 -3.40
C ASP A 69 -12.96 9.37 -3.15
N ILE A 70 -12.13 8.77 -2.32
CA ILE A 70 -12.27 7.33 -2.04
C ILE A 70 -13.00 7.06 -0.72
N GLU A 71 -13.50 8.11 -0.09
CA GLU A 71 -14.24 7.93 1.16
C GLU A 71 -15.56 7.21 0.89
N LEU A 72 -16.11 7.45 -0.28
CA LEU A 72 -17.39 6.86 -0.67
C LEU A 72 -17.29 6.35 -2.10
N LEU A 73 -17.15 5.04 -2.26
CA LEU A 73 -17.04 4.44 -3.58
C LEU A 73 -18.18 3.48 -3.86
N HIS A 74 -19.09 3.92 -4.71
CA HIS A 74 -20.21 3.11 -5.17
C HIS A 74 -20.13 3.05 -6.69
N VAL A 75 -19.61 1.95 -7.22
CA VAL A 75 -19.30 1.89 -8.65
C VAL A 75 -19.97 0.73 -9.39
N ARG A 76 -20.32 0.97 -10.65
CA ARG A 76 -20.72 -0.11 -11.54
C ARG A 76 -19.51 -0.52 -12.36
N ILE A 77 -19.17 -1.81 -12.30
CA ILE A 77 -17.99 -2.30 -13.00
C ILE A 77 -18.35 -3.32 -14.06
N ILE A 78 -18.06 -2.98 -15.31
CA ILE A 78 -18.27 -3.88 -16.43
C ILE A 78 -16.93 -4.38 -16.94
N SER A 79 -16.68 -5.68 -16.75
CA SER A 79 -15.40 -6.28 -17.13
C SER A 79 -15.56 -7.78 -17.33
N ASN A 80 -14.82 -8.33 -18.28
CA ASN A 80 -14.89 -9.76 -18.58
C ASN A 80 -13.96 -10.57 -17.69
N SER A 81 -13.13 -9.87 -16.91
CA SER A 81 -12.29 -10.52 -15.92
C SER A 81 -13.14 -10.95 -14.72
N LEU A 82 -14.39 -10.49 -14.70
CA LEU A 82 -15.34 -10.86 -13.67
C LEU A 82 -16.33 -11.88 -14.20
N ASP A 83 -16.81 -12.77 -13.34
CA ASP A 83 -17.67 -13.86 -13.77
C ASP A 83 -18.88 -14.05 -12.86
N GLY A 84 -19.89 -14.75 -13.37
CA GLY A 84 -21.10 -15.04 -12.62
C GLY A 84 -21.99 -13.82 -12.40
N ASP A 85 -22.36 -13.57 -11.15
CA ASP A 85 -23.19 -12.43 -10.85
C ASP A 85 -22.37 -11.14 -10.86
N ALA A 86 -21.06 -11.28 -10.69
CA ALA A 86 -20.15 -10.14 -10.67
C ALA A 86 -19.91 -9.56 -12.07
N ARG A 87 -20.55 -10.16 -13.06
CA ARG A 87 -20.32 -9.83 -14.48
C ARG A 87 -20.40 -8.34 -14.78
N SER A 88 -21.48 -7.69 -14.36
CA SER A 88 -21.66 -6.26 -14.57
C SER A 88 -22.74 -5.72 -13.64
N ARG A 89 -22.41 -5.69 -12.35
CA ARG A 89 -23.31 -5.16 -11.32
C ARG A 89 -22.60 -4.04 -10.56
N ALA A 90 -23.17 -3.66 -9.41
CA ALA A 90 -22.63 -2.54 -8.65
C ALA A 90 -22.01 -2.96 -7.32
N TRP A 91 -21.04 -2.19 -6.85
CA TRP A 91 -20.32 -2.51 -5.62
C TRP A 91 -20.00 -1.30 -4.76
N TYR A 92 -20.02 -1.50 -3.45
CA TYR A 92 -19.34 -0.59 -2.55
C TYR A 92 -17.89 -1.06 -2.46
N VAL A 93 -16.95 -0.13 -2.64
CA VAL A 93 -15.53 -0.49 -2.68
C VAL A 93 -14.73 0.29 -1.64
N GLY A 94 -13.86 -0.42 -0.92
CA GLY A 94 -12.96 0.21 0.01
C GLY A 94 -13.59 0.61 1.34
N ALA A 95 -13.34 1.86 1.74
CA ALA A 95 -13.83 2.38 3.01
C ALA A 95 -15.33 2.23 3.17
N TYR A 96 -16.07 2.68 2.16
CA TYR A 96 -17.54 2.66 2.20
C TYR A 96 -18.08 1.23 2.20
N ALA A 97 -17.20 0.25 2.01
CA ALA A 97 -17.61 -1.14 2.02
C ALA A 97 -17.39 -1.78 3.40
N LYS A 98 -16.42 -1.27 4.14
CA LYS A 98 -16.03 -1.84 5.43
C LYS A 98 -17.16 -1.78 6.46
N ASP A 99 -18.12 -0.91 6.25
CA ASP A 99 -19.22 -0.73 7.19
C ASP A 99 -20.40 -1.65 6.91
N GLN A 100 -20.52 -2.12 5.67
CA GLN A 100 -21.66 -2.91 5.25
C GLN A 100 -21.70 -4.29 5.93
N GLU A 101 -22.91 -4.79 6.15
CA GLU A 101 -23.13 -6.08 6.80
C GLU A 101 -22.53 -7.26 6.04
N ASP A 102 -22.77 -7.29 4.74
CA ASP A 102 -22.49 -8.44 3.91
C ASP A 102 -21.22 -8.20 3.11
N ARG A 103 -20.38 -7.34 3.66
CA ARG A 103 -19.11 -7.01 3.02
C ARG A 103 -18.26 -8.26 2.88
N GLN A 104 -17.40 -8.26 1.87
CA GLN A 104 -16.51 -9.39 1.63
C GLN A 104 -15.07 -8.98 1.84
N GLU A 105 -14.33 -9.83 2.55
CA GLU A 105 -12.92 -9.59 2.83
C GLU A 105 -12.14 -10.87 2.62
N PRO A 106 -10.81 -10.74 2.37
CA PRO A 106 -9.94 -11.90 2.22
C PRO A 106 -10.06 -12.90 3.36
N THR A 107 -10.57 -14.10 3.06
CA THR A 107 -10.63 -15.17 4.03
C THR A 107 -9.22 -15.64 4.35
N VAL A 108 -8.97 -15.99 5.61
CA VAL A 108 -7.65 -16.42 6.04
C VAL A 108 -7.75 -17.35 7.24
N ASP A 109 -7.29 -18.59 7.06
CA ASP A 109 -7.50 -19.63 8.07
C ASP A 109 -6.61 -19.45 9.29
N GLU A 110 -6.62 -20.45 10.16
CA GLU A 110 -5.99 -20.36 11.48
C GLU A 110 -4.47 -20.53 11.42
N MET A 111 -3.93 -20.58 10.21
CA MET A 111 -2.49 -20.75 10.02
C MET A 111 -1.89 -19.60 9.22
N GLN A 120 -7.77 -17.03 -8.41
CA GLN A 120 -8.73 -17.70 -7.55
C GLN A 120 -10.17 -17.42 -8.00
N LYS A 121 -11.13 -17.65 -7.11
CA LYS A 121 -12.50 -17.24 -7.37
C LYS A 121 -12.87 -16.16 -6.37
N ASN A 122 -11.87 -15.74 -5.60
CA ASN A 122 -11.93 -14.53 -4.79
C ASN A 122 -11.29 -13.40 -5.57
N LYS A 123 -11.23 -13.55 -6.89
CA LYS A 123 -10.51 -12.60 -7.74
C LYS A 123 -11.16 -11.22 -7.76
N LYS A 124 -12.48 -11.17 -7.65
CA LYS A 124 -13.20 -9.90 -7.64
C LYS A 124 -12.78 -9.07 -6.44
N LEU A 125 -12.44 -9.75 -5.36
CA LEU A 125 -11.98 -9.12 -4.13
C LEU A 125 -10.70 -8.34 -4.35
N HIS A 126 -9.95 -8.69 -5.40
CA HIS A 126 -8.70 -8.01 -5.72
C HIS A 126 -8.81 -7.20 -7.01
N LEU A 127 -9.56 -7.70 -7.97
CA LEU A 127 -9.76 -7.00 -9.25
C LEU A 127 -10.57 -5.71 -9.08
N ILE A 128 -11.61 -5.77 -8.26
CA ILE A 128 -12.51 -4.63 -8.08
C ILE A 128 -11.84 -3.44 -7.38
N PRO A 129 -11.14 -3.67 -6.26
CA PRO A 129 -10.42 -2.51 -5.72
C PRO A 129 -9.31 -2.04 -6.66
N LEU A 130 -8.78 -2.97 -7.46
CA LEU A 130 -7.75 -2.64 -8.45
C LEU A 130 -8.28 -1.71 -9.53
N PHE A 131 -9.31 -2.15 -10.24
CA PHE A 131 -9.93 -1.34 -11.29
C PHE A 131 -10.45 -0.02 -10.75
N THR A 132 -10.97 -0.07 -9.53
CA THR A 132 -11.53 1.12 -8.88
C THR A 132 -10.44 2.17 -8.66
N SER A 133 -9.24 1.72 -8.31
CA SER A 133 -8.12 2.63 -8.12
C SER A 133 -7.72 3.28 -9.46
N MET A 134 -7.69 2.48 -10.52
CA MET A 134 -7.38 2.97 -11.86
C MET A 134 -8.38 4.03 -12.29
N ALA A 135 -9.64 3.82 -11.93
CA ALA A 135 -10.70 4.76 -12.29
C ALA A 135 -10.55 6.08 -11.53
N VAL A 136 -10.31 5.97 -10.22
CA VAL A 136 -10.17 7.16 -9.38
C VAL A 136 -9.02 8.03 -9.87
N ALA A 137 -7.89 7.41 -10.18
CA ALA A 137 -6.75 8.13 -10.73
C ALA A 137 -7.11 8.76 -12.08
N ALA A 138 -7.88 8.04 -12.88
CA ALA A 138 -8.34 8.53 -14.18
C ALA A 138 -9.21 9.77 -14.01
N ALA A 139 -10.15 9.70 -13.06
CA ALA A 139 -11.01 10.83 -12.76
C ALA A 139 -10.20 12.00 -12.21
N ARG A 140 -9.23 11.70 -11.36
CA ARG A 140 -8.36 12.72 -10.76
C ARG A 140 -7.65 13.57 -11.81
N ILE A 141 -7.25 12.94 -12.90
CA ILE A 141 -6.48 13.63 -13.94
C ILE A 141 -7.33 13.98 -15.15
N GLY A 142 -8.64 13.81 -15.00
CA GLY A 142 -9.59 14.28 -16.00
C GLY A 142 -9.55 13.57 -17.34
N LYS A 143 -9.22 12.29 -17.32
CA LYS A 143 -9.35 11.46 -18.51
C LYS A 143 -10.53 10.52 -18.31
N GLU A 144 -11.17 10.12 -19.41
CA GLU A 144 -12.35 9.28 -19.35
C GLU A 144 -12.11 7.98 -20.12
N GLU A 145 -11.06 7.98 -20.94
CA GLU A 145 -10.55 6.78 -21.57
C GLU A 145 -9.06 6.65 -21.33
N VAL A 146 -8.65 5.57 -20.68
CA VAL A 146 -7.23 5.37 -20.41
C VAL A 146 -6.78 3.94 -20.70
N SER A 147 -5.66 3.83 -21.40
CA SER A 147 -4.95 2.57 -21.48
C SER A 147 -3.98 2.51 -20.31
N VAL A 148 -4.01 1.40 -19.57
CA VAL A 148 -3.20 1.28 -18.38
C VAL A 148 -2.22 0.12 -18.51
N PRO A 149 -1.01 0.40 -19.00
CA PRO A 149 0.03 -0.63 -19.01
C PRO A 149 0.29 -1.08 -17.58
N PHE A 150 0.12 -2.37 -17.31
CA PHE A 150 0.14 -2.83 -15.93
C PHE A 150 1.55 -3.04 -15.41
N SER A 151 1.85 -2.39 -14.30
CA SER A 151 3.13 -2.57 -13.63
C SER A 151 2.87 -2.88 -12.17
N GLY A 152 3.02 -4.15 -11.82
CA GLY A 152 2.71 -4.59 -10.46
C GLY A 152 3.66 -5.65 -9.93
N GLY A 153 3.16 -6.42 -8.97
CA GLY A 153 3.99 -7.44 -8.36
C GLY A 153 3.19 -8.59 -7.78
N MET A 154 3.85 -9.73 -7.65
CA MET A 154 3.26 -10.91 -7.04
C MET A 154 4.16 -11.40 -5.91
N PRO A 155 3.55 -11.97 -4.86
CA PRO A 155 4.38 -12.58 -3.82
C PRO A 155 4.59 -14.07 -4.10
N ILE A 156 5.80 -14.57 -3.85
CA ILE A 156 6.22 -15.95 -4.11
C ILE A 156 5.13 -16.93 -4.55
N GLY A 163 1.74 -18.42 -12.15
CA GLY A 163 2.84 -17.76 -12.85
C GLY A 163 2.59 -16.29 -13.08
N GLU A 164 3.52 -15.63 -13.77
CA GLU A 164 3.39 -14.21 -14.09
C GLU A 164 2.45 -13.99 -15.27
N GLU A 165 2.67 -14.79 -16.32
CA GLU A 165 1.91 -14.67 -17.55
C GLU A 165 0.42 -14.91 -17.33
N GLN A 166 0.14 -15.93 -16.53
CA GLN A 166 -1.23 -16.35 -16.24
C GLN A 166 -2.00 -15.33 -15.41
N ILE A 167 -1.33 -14.74 -14.43
CA ILE A 167 -1.96 -13.73 -13.57
C ILE A 167 -2.26 -12.45 -14.35
N LEU A 168 -1.36 -12.07 -15.25
CA LEU A 168 -1.55 -10.88 -16.09
C LEU A 168 -2.79 -10.97 -16.97
N GLU A 169 -3.15 -12.19 -17.38
CA GLU A 169 -4.22 -12.37 -18.34
C GLU A 169 -5.60 -12.38 -17.69
N MET A 170 -5.63 -12.26 -16.36
CA MET A 170 -6.88 -11.98 -15.66
C MET A 170 -7.05 -10.47 -15.54
N LEU A 171 -6.20 -9.73 -16.25
CA LEU A 171 -6.20 -8.27 -16.20
C LEU A 171 -6.38 -7.64 -17.57
N TYR A 172 -5.99 -8.36 -18.61
CA TYR A 172 -6.09 -7.85 -19.97
C TYR A 172 -7.54 -7.65 -20.38
N GLY A 173 -7.76 -6.71 -21.29
CA GLY A 173 -9.10 -6.46 -21.80
C GLY A 173 -9.58 -5.05 -21.54
N GLU A 174 -10.88 -4.88 -21.55
CA GLU A 174 -11.49 -3.58 -21.36
C GLU A 174 -12.41 -3.58 -20.15
N HIS A 175 -12.23 -2.58 -19.29
CA HIS A 175 -12.98 -2.50 -18.04
C HIS A 175 -13.59 -1.12 -17.90
N THR A 176 -14.88 -1.07 -17.59
CA THR A 176 -15.56 0.19 -17.43
C THR A 176 -16.01 0.37 -15.99
N VAL A 177 -15.61 1.50 -15.39
CA VAL A 177 -16.04 1.83 -14.04
C VAL A 177 -16.89 3.09 -14.07
N GLU A 178 -18.13 2.98 -13.62
CA GLU A 178 -19.01 4.14 -13.48
C GLU A 178 -19.28 4.44 -12.02
N PHE A 179 -19.09 5.68 -11.61
CA PHE A 179 -19.38 6.08 -10.24
C PHE A 179 -20.87 6.39 -10.10
N LEU A 180 -21.48 5.86 -9.03
CA LEU A 180 -22.92 5.98 -8.83
C LEU A 180 -23.22 6.91 -7.65
N ASP A 181 -22.16 7.49 -7.11
CA ASP A 181 -22.23 8.23 -5.85
C ASP A 181 -20.85 8.81 -5.58
N GLY A 182 -20.76 9.80 -4.69
CA GLY A 182 -19.48 10.37 -4.33
C GLY A 182 -18.96 11.41 -5.30
N THR A 183 -17.68 11.78 -5.11
CA THR A 183 -17.04 12.88 -5.83
C THR A 183 -17.22 12.85 -7.35
N TYR A 184 -17.13 11.66 -7.93
CA TYR A 184 -17.20 11.54 -9.39
C TYR A 184 -18.49 10.89 -9.87
N GLU A 185 -19.57 11.11 -9.14
CA GLU A 185 -20.87 10.56 -9.50
C GLU A 185 -21.24 10.94 -10.94
N GLY A 186 -21.56 9.94 -11.75
CA GLY A 186 -21.92 10.19 -13.13
C GLY A 186 -20.77 10.05 -14.10
N LYS A 187 -19.55 9.87 -13.59
CA LYS A 187 -18.40 9.68 -14.45
C LYS A 187 -18.29 8.23 -14.92
N LYS A 188 -17.78 8.04 -16.14
CA LYS A 188 -17.60 6.71 -16.71
C LYS A 188 -16.22 6.57 -17.34
N ILE A 189 -15.38 5.73 -16.75
CA ILE A 189 -14.00 5.57 -17.19
C ILE A 189 -13.76 4.23 -17.89
N LYS A 190 -13.17 4.28 -19.08
CA LYS A 190 -12.82 3.09 -19.81
C LYS A 190 -11.36 2.73 -19.60
N ILE A 191 -11.12 1.59 -18.95
CA ILE A 191 -9.77 1.12 -18.72
C ILE A 191 -9.40 0.04 -19.73
N THR A 192 -8.29 0.25 -20.43
CA THR A 192 -7.79 -0.75 -21.36
C THR A 192 -6.41 -1.23 -20.93
N ILE A 193 -6.29 -2.54 -20.72
CA ILE A 193 -5.01 -3.12 -20.33
C ILE A 193 -4.52 -4.09 -21.39
N ASN A 194 -3.56 -3.65 -22.19
CA ASN A 194 -3.00 -4.48 -23.26
C ASN A 194 -1.71 -5.16 -22.82
N ASP A 195 -0.86 -4.40 -22.15
CA ASP A 195 0.46 -4.89 -21.78
C ASP A 195 0.68 -4.79 -20.28
N GLY A 196 1.47 -5.70 -19.73
CA GLY A 196 1.75 -5.70 -18.31
C GLY A 196 3.12 -6.22 -17.94
N THR A 197 3.46 -6.12 -16.67
CA THR A 197 4.70 -6.69 -16.13
C THR A 197 4.56 -6.83 -14.62
N MET A 198 5.16 -7.89 -14.06
CA MET A 198 5.10 -8.12 -12.63
C MET A 198 6.42 -7.82 -11.95
N ASN A 199 7.33 -7.21 -12.71
CA ASN A 199 8.62 -6.72 -12.20
C ASN A 199 9.36 -7.74 -11.35
N VAL A 200 9.38 -8.99 -11.80
CA VAL A 200 9.98 -10.07 -11.04
C VAL A 200 11.47 -9.90 -10.83
N GLU A 201 12.20 -9.64 -11.91
CA GLU A 201 13.65 -9.62 -11.85
C GLU A 201 14.24 -8.21 -11.84
N GLY A 202 15.55 -8.14 -11.58
CA GLY A 202 16.29 -6.89 -11.66
C GLY A 202 15.95 -5.86 -10.61
N VAL A 203 16.37 -4.63 -10.86
CA VAL A 203 16.25 -3.55 -9.89
C VAL A 203 14.88 -2.88 -9.87
N SER A 204 13.91 -3.47 -10.55
CA SER A 204 12.58 -2.87 -10.68
C SER A 204 11.88 -2.63 -9.35
N SER A 205 11.88 -3.65 -8.49
CA SER A 205 11.24 -3.56 -7.19
C SER A 205 11.87 -2.50 -6.29
N VAL A 206 13.09 -2.09 -6.62
CA VAL A 206 13.90 -1.23 -5.75
C VAL A 206 13.90 0.25 -6.14
N LEU A 207 13.58 0.52 -7.41
CA LEU A 207 13.84 1.81 -8.04
C LEU A 207 13.53 3.05 -7.18
N ALA A 208 12.52 2.95 -6.32
CA ALA A 208 12.13 4.11 -5.50
C ALA A 208 13.15 4.45 -4.43
N ILE A 209 14.18 3.62 -4.26
CA ILE A 209 15.21 3.90 -3.27
C ILE A 209 16.22 4.91 -3.85
N LEU A 210 16.32 4.96 -5.16
CA LEU A 210 17.28 5.82 -5.82
C LEU A 210 16.64 6.97 -6.59
N PHE A 211 15.40 6.79 -7.02
CA PHE A 211 14.80 7.76 -7.94
C PHE A 211 13.42 8.29 -7.53
N ASP A 212 13.07 9.44 -8.09
CA ASP A 212 11.79 10.07 -7.85
C ASP A 212 11.33 10.81 -9.13
N ILE A 213 10.02 10.91 -9.33
CA ILE A 213 9.49 11.54 -10.53
C ILE A 213 8.85 12.89 -10.20
N VAL A 214 9.50 13.97 -10.64
CA VAL A 214 9.00 15.33 -10.42
C VAL A 214 8.87 16.05 -11.75
N ASN A 215 7.76 15.81 -12.45
CA ASN A 215 7.58 16.08 -13.88
C ASN A 215 8.42 15.11 -14.70
N GLY A 216 9.08 14.19 -13.99
CA GLY A 216 9.97 13.22 -14.59
C GLY A 216 11.31 13.79 -15.00
N GLU A 217 12.41 13.09 -14.72
CA GLU A 217 12.47 11.94 -13.80
C GLU A 217 13.87 12.04 -13.23
N ILE A 218 13.98 12.08 -11.91
CA ILE A 218 15.19 12.59 -11.30
C ILE A 218 15.74 11.79 -10.12
N VAL A 219 17.01 12.01 -9.81
CA VAL A 219 17.71 11.28 -8.74
C VAL A 219 17.30 11.81 -7.37
N GLU A 220 17.32 10.92 -6.38
CA GLU A 220 16.87 11.25 -5.03
C GLU A 220 17.90 12.06 -4.25
N VAL A 221 17.42 13.02 -3.46
CA VAL A 221 18.29 13.87 -2.64
C VAL A 221 19.05 13.04 -1.61
N GLY A 229 24.09 -2.14 -3.74
CA GLY A 229 25.16 -3.05 -4.13
C GLY A 229 24.76 -3.98 -5.26
N GLU A 230 25.31 -5.20 -5.22
CA GLU A 230 25.00 -6.20 -6.24
C GLU A 230 24.29 -7.37 -5.58
N SER A 231 24.21 -7.31 -4.26
CA SER A 231 23.55 -8.32 -3.45
C SER A 231 22.82 -7.63 -2.31
N TYR A 232 21.49 -7.73 -2.30
CA TYR A 232 20.71 -6.96 -1.33
C TYR A 232 19.36 -7.60 -1.00
N ALA A 233 18.88 -7.30 0.20
CA ALA A 233 17.55 -7.71 0.62
C ALA A 233 16.60 -6.52 0.59
N ILE A 234 15.35 -6.76 0.23
CA ILE A 234 14.31 -5.74 0.36
C ILE A 234 13.27 -6.19 1.36
N ASN A 235 13.15 -5.43 2.44
CA ASN A 235 12.16 -5.74 3.45
C ASN A 235 11.03 -4.73 3.47
N ASP A 236 9.91 -5.11 2.87
CA ASP A 236 8.72 -4.28 2.85
C ASP A 236 7.92 -4.56 4.11
N LEU A 237 7.87 -3.58 5.02
CA LEU A 237 7.20 -3.79 6.30
C LEU A 237 5.77 -3.27 6.26
N GLY A 238 4.83 -4.21 6.20
CA GLY A 238 3.43 -3.87 6.00
C GLY A 238 2.52 -4.04 7.20
N ALA A 239 1.22 -3.91 6.96
CA ALA A 239 0.22 -3.91 8.02
C ALA A 239 -0.03 -5.29 8.61
N GLY A 240 -0.29 -6.27 7.75
CA GLY A 240 -0.56 -7.62 8.21
C GLY A 240 0.58 -8.57 7.92
N THR A 241 1.46 -8.18 7.02
CA THR A 241 2.59 -9.03 6.62
C THR A 241 3.91 -8.26 6.61
N SER A 242 4.99 -9.00 6.39
CA SER A 242 6.32 -8.44 6.21
C SER A 242 7.03 -9.24 5.12
N ASP A 243 7.37 -8.57 4.02
CA ASP A 243 7.95 -9.24 2.88
C ASP A 243 9.47 -9.14 2.91
N ASN A 244 10.12 -10.29 3.03
CA ASN A 244 11.58 -10.34 3.01
C ASN A 244 12.11 -10.96 1.72
N ALA A 245 12.40 -10.11 0.74
CA ALA A 245 12.91 -10.55 -0.54
C ALA A 245 14.42 -10.35 -0.62
N PHE A 246 15.10 -11.24 -1.34
CA PHE A 246 16.54 -11.16 -1.49
C PHE A 246 16.93 -11.21 -2.97
N PHE A 247 17.66 -10.19 -3.42
CA PHE A 247 18.12 -10.15 -4.80
C PHE A 247 19.62 -10.39 -4.88
N GLU A 248 20.00 -11.31 -5.76
CA GLU A 248 21.40 -11.68 -5.94
C GLU A 248 21.71 -11.78 -7.42
N ASP A 249 22.78 -11.11 -7.85
CA ASP A 249 23.24 -11.16 -9.24
C ASP A 249 22.13 -10.85 -10.24
N GLY A 250 21.39 -9.77 -9.99
CA GLY A 250 20.34 -9.32 -10.90
C GLY A 250 19.06 -10.13 -10.84
N GLU A 251 19.06 -11.19 -10.05
CA GLU A 251 17.89 -12.08 -10.00
C GLU A 251 17.32 -12.20 -8.59
N LEU A 252 16.00 -12.24 -8.50
CA LEU A 252 15.31 -12.57 -7.26
C LEU A 252 15.74 -13.97 -6.82
N ASN A 253 16.18 -14.09 -5.57
CA ASN A 253 16.53 -15.40 -5.03
C ASN A 253 15.27 -16.11 -4.54
N LYS A 254 14.65 -16.87 -5.43
CA LYS A 254 13.29 -17.36 -5.23
C LYS A 254 13.18 -18.53 -4.26
N LYS A 255 14.21 -18.72 -3.44
CA LYS A 255 14.17 -19.79 -2.44
C LYS A 255 14.36 -19.23 -1.03
N LEU A 256 15.18 -18.19 -0.92
CA LEU A 256 15.40 -17.54 0.38
C LEU A 256 14.48 -16.34 0.58
N SER A 257 13.95 -15.80 -0.52
CA SER A 257 12.99 -14.70 -0.45
C SER A 257 11.72 -15.17 0.24
N THR A 258 11.55 -14.79 1.49
CA THR A 258 10.43 -15.27 2.29
C THR A 258 9.36 -14.21 2.51
N ASN A 259 8.42 -14.52 3.38
CA ASN A 259 7.25 -13.69 3.61
C ASN A 259 6.55 -14.10 4.91
N THR A 260 6.54 -13.19 5.89
CA THR A 260 5.97 -13.50 7.19
C THR A 260 4.81 -12.57 7.53
N ASP A 261 4.08 -12.89 8.59
CA ASP A 261 2.96 -12.05 9.01
C ASP A 261 3.39 -11.09 10.11
N LEU A 262 4.66 -10.71 10.10
CA LEU A 262 5.18 -9.72 11.03
C LEU A 262 4.70 -8.33 10.61
N GLY A 263 3.43 -8.05 10.86
CA GLY A 263 2.85 -6.79 10.47
C GLY A 263 2.65 -5.85 11.64
N THR A 264 2.39 -4.58 11.33
CA THR A 264 2.18 -3.57 12.36
C THR A 264 0.87 -3.77 13.10
N ASN A 265 -0.08 -4.43 12.45
CA ASN A 265 -1.46 -4.53 12.95
C ASN A 265 -1.60 -5.13 14.35
N LYS A 266 -0.95 -6.26 14.59
CA LYS A 266 -1.03 -6.90 15.90
C LYS A 266 -0.54 -5.97 17.01
N TYR A 267 0.52 -5.20 16.70
CA TYR A 267 1.09 -4.26 17.65
C TYR A 267 0.16 -3.08 17.88
N ILE A 268 -0.51 -2.66 16.80
CA ILE A 268 -1.49 -1.59 16.89
C ILE A 268 -2.68 -2.03 17.75
N ASP A 269 -3.15 -3.25 17.52
CA ASP A 269 -4.26 -3.81 18.29
C ASP A 269 -3.92 -3.84 19.78
N GLU A 270 -2.67 -4.20 20.08
CA GLU A 270 -2.17 -4.19 21.46
C GLU A 270 -2.29 -2.81 22.07
N ILE A 271 -1.74 -1.82 21.36
CA ILE A 271 -1.75 -0.43 21.81
C ILE A 271 -3.17 0.07 22.07
N LEU A 272 -4.08 -0.24 21.15
CA LEU A 272 -5.48 0.15 21.29
C LEU A 272 -6.14 -0.51 22.49
N LYS A 273 -5.81 -1.77 22.73
CA LYS A 273 -6.33 -2.49 23.88
C LYS A 273 -5.87 -1.85 25.19
N ASN A 274 -4.63 -1.38 25.19
CA ASN A 274 -4.05 -0.77 26.39
C ASN A 274 -4.53 0.66 26.61
N ILE A 275 -4.91 1.34 25.53
CA ILE A 275 -5.47 2.68 25.63
C ILE A 275 -6.88 2.62 26.20
N LYS A 276 -7.70 1.74 25.64
CA LYS A 276 -9.08 1.58 26.09
C LYS A 276 -9.13 1.17 27.56
N GLU A 277 -8.14 0.41 28.00
CA GLU A 277 -8.06 -0.01 29.39
C GLU A 277 -7.67 1.14 30.31
N ARG A 278 -6.77 1.99 29.84
CA ARG A 278 -6.33 3.18 30.58
C ARG A 278 -7.51 4.03 31.02
N PHE A 279 -8.50 4.17 30.14
CA PHE A 279 -9.69 4.94 30.45
C PHE A 279 -10.52 4.26 31.54
N MET A 280 -10.90 3.00 31.32
CA MET A 280 -11.68 2.25 32.29
C MET A 280 -10.97 2.16 33.63
N PRO A 296 -13.27 5.25 20.45
CA PRO A 296 -12.07 6.09 20.40
C PRO A 296 -11.57 6.24 18.98
N PHE A 297 -11.22 5.11 18.37
CA PHE A 297 -10.87 5.06 16.96
C PHE A 297 -11.70 3.99 16.30
N LYS A 298 -11.96 4.16 15.01
CA LYS A 298 -12.95 3.35 14.34
C LYS A 298 -12.22 2.21 13.64
N THR A 299 -11.17 2.58 12.92
CA THR A 299 -10.30 1.61 12.28
C THR A 299 -8.86 1.84 12.73
N ARG A 300 -7.95 0.99 12.27
CA ARG A 300 -6.53 1.15 12.58
C ARG A 300 -5.93 2.33 11.82
N GLU A 301 -6.39 2.53 10.59
CA GLU A 301 -5.89 3.61 9.77
C GLU A 301 -6.28 4.95 10.38
N ASP A 302 -7.42 4.97 11.06
CA ASP A 302 -7.86 6.16 11.76
C ASP A 302 -6.93 6.46 12.93
N PHE A 303 -6.52 5.40 13.64
CA PHE A 303 -5.58 5.53 14.74
C PHE A 303 -4.24 6.03 14.24
N ILE A 304 -3.78 5.46 13.13
CA ILE A 304 -2.51 5.85 12.54
C ILE A 304 -2.56 7.30 12.05
N GLN A 305 -3.58 7.61 11.27
CA GLN A 305 -3.69 8.90 10.60
C GLN A 305 -3.89 10.05 11.59
N ARG A 306 -4.81 9.87 12.53
CA ARG A 306 -5.17 10.95 13.44
C ARG A 306 -4.20 11.11 14.61
N LEU A 307 -3.75 10.00 15.18
CA LEU A 307 -2.89 10.07 16.36
C LEU A 307 -1.40 9.95 16.03
N VAL A 308 -1.07 8.96 15.19
CA VAL A 308 0.32 8.55 15.01
C VAL A 308 1.09 9.35 13.95
N MET A 309 0.49 9.53 12.77
CA MET A 309 1.16 10.20 11.65
C MET A 309 1.68 11.62 11.94
N PRO A 310 0.88 12.49 12.58
CA PRO A 310 1.40 13.85 12.83
C PRO A 310 2.64 13.88 13.73
N GLU A 311 2.74 12.92 14.64
CA GLU A 311 3.86 12.89 15.58
C GLU A 311 5.08 12.21 14.98
N VAL A 312 4.86 11.11 14.25
CA VAL A 312 5.93 10.41 13.55
C VAL A 312 6.65 11.38 12.59
N GLU A 313 5.90 12.37 12.13
CA GLU A 313 6.36 13.34 11.16
C GLU A 313 7.25 14.43 11.77
N LYS A 314 6.91 14.90 12.97
CA LYS A 314 7.75 15.89 13.64
C LYS A 314 9.06 15.26 14.08
N MET A 315 9.04 13.96 14.32
CA MET A 315 10.25 13.22 14.64
C MET A 315 11.18 13.18 13.44
N ILE A 316 10.60 12.94 12.28
CA ILE A 316 11.35 12.87 11.03
C ILE A 316 12.13 14.16 10.78
N GLU A 317 11.47 15.30 10.94
CA GLU A 317 12.09 16.58 10.62
C GLU A 317 12.83 17.21 11.80
N ASP A 318 12.87 16.49 12.92
CA ASP A 318 13.63 16.95 14.08
C ASP A 318 13.96 15.77 15.00
N ASP A 319 15.23 15.38 15.03
CA ASP A 319 15.66 14.20 15.77
C ASP A 319 15.62 14.41 17.28
N THR A 320 15.43 15.65 17.71
CA THR A 320 15.38 15.96 19.14
C THR A 320 13.96 15.91 19.68
N TYR A 321 12.98 16.03 18.79
CA TYR A 321 11.58 16.10 19.18
C TYR A 321 11.09 14.84 19.89
N LYS A 322 10.47 15.04 21.05
CA LYS A 322 9.80 13.98 21.76
C LYS A 322 8.32 13.98 21.40
N PRO A 323 7.76 12.81 21.01
CA PRO A 323 6.36 12.80 20.62
C PRO A 323 5.41 12.69 21.82
N THR A 324 4.21 13.26 21.67
CA THR A 324 3.16 13.16 22.68
C THR A 324 1.90 12.57 22.07
N PHE A 325 1.39 11.51 22.69
CA PHE A 325 0.15 10.89 22.22
C PHE A 325 -0.93 10.98 23.29
N SER A 326 -1.97 11.74 22.98
CA SER A 326 -3.09 11.91 23.89
C SER A 326 -4.41 11.55 23.19
N VAL A 327 -5.32 10.96 23.95
CA VAL A 327 -6.59 10.50 23.39
C VAL A 327 -7.77 11.11 24.13
N LYS A 328 -8.65 11.75 23.38
CA LYS A 328 -9.89 12.29 23.93
C LYS A 328 -11.03 11.31 23.69
N TRP A 329 -11.48 10.65 24.75
CA TRP A 329 -12.59 9.71 24.63
C TRP A 329 -13.65 10.02 25.68
N GLY A 330 -14.79 10.53 25.22
CA GLY A 330 -15.84 10.97 26.12
C GLY A 330 -15.41 12.22 26.86
N PRO A 331 -15.83 12.36 28.12
CA PRO A 331 -15.45 13.51 28.96
C PRO A 331 -14.06 13.35 29.57
N VAL A 332 -13.28 12.40 29.05
CA VAL A 332 -11.94 12.16 29.56
C VAL A 332 -10.88 12.32 28.45
N LYS A 333 -9.74 12.90 28.82
CA LYS A 333 -8.59 12.96 27.93
C LYS A 333 -7.36 12.41 28.64
N GLU A 334 -6.73 11.42 28.03
CA GLU A 334 -5.58 10.75 28.67
C GLU A 334 -4.30 10.94 27.87
N ASN A 335 -3.19 11.09 28.59
CA ASN A 335 -1.88 11.02 27.98
C ASN A 335 -1.45 9.56 27.90
N VAL A 336 -1.38 9.04 26.68
CA VAL A 336 -1.03 7.64 26.46
C VAL A 336 0.28 7.51 25.69
N THR A 337 1.13 8.51 25.82
CA THR A 337 2.42 8.53 25.13
C THR A 337 3.24 7.28 25.46
N ASP A 338 3.24 6.90 26.74
CA ASP A 338 3.97 5.73 27.20
C ASP A 338 3.43 4.44 26.61
N ILE A 339 2.10 4.37 26.44
CA ILE A 339 1.46 3.19 25.88
C ILE A 339 1.81 3.02 24.41
N VAL A 340 1.71 4.12 23.65
CA VAL A 340 1.96 4.09 22.23
C VAL A 340 3.41 3.78 21.90
N MET A 341 4.33 4.49 22.55
CA MET A 341 5.76 4.31 22.33
C MET A 341 6.22 2.89 22.67
N ASP A 342 5.53 2.25 23.61
CA ASP A 342 5.85 0.88 24.00
C ASP A 342 5.61 -0.08 22.84
N GLY A 343 4.43 0.01 22.23
CA GLY A 343 4.10 -0.81 21.08
C GLY A 343 5.02 -0.53 19.90
N MET A 344 5.43 0.73 19.78
CA MET A 344 6.31 1.14 18.69
C MET A 344 7.70 0.51 18.79
N LEU A 345 8.29 0.55 19.98
CA LEU A 345 9.63 -0.01 20.19
C LEU A 345 9.62 -1.54 20.19
N LYS A 346 8.54 -2.10 20.72
CA LYS A 346 8.30 -3.54 20.69
C LYS A 346 8.33 -4.03 19.25
N TYR A 347 7.60 -3.32 18.38
CA TYR A 347 7.60 -3.59 16.96
C TYR A 347 9.00 -3.38 16.36
N ALA A 348 9.63 -2.28 16.76
CA ALA A 348 10.95 -1.93 16.24
C ALA A 348 12.00 -2.99 16.54
N GLU A 349 12.03 -3.45 17.80
CA GLU A 349 13.00 -4.44 18.22
C GLU A 349 12.70 -5.82 17.63
N ASP A 350 11.41 -6.15 17.54
CA ASP A 350 10.99 -7.40 16.91
C ASP A 350 11.38 -7.41 15.43
N GLN A 351 11.27 -6.25 14.78
CA GLN A 351 11.69 -6.12 13.40
C GLN A 351 13.21 -6.12 13.29
N LYS A 352 13.88 -5.38 14.17
CA LYS A 352 15.34 -5.38 14.24
C LYS A 352 15.89 -6.80 14.30
N ALA A 353 15.23 -7.63 15.10
CA ALA A 353 15.65 -9.02 15.27
C ALA A 353 15.41 -9.83 14.00
N SER A 354 14.24 -9.64 13.40
CA SER A 354 13.86 -10.36 12.19
C SER A 354 14.78 -10.01 11.02
N LEU A 355 15.10 -8.71 10.89
CA LEU A 355 15.97 -8.23 9.83
C LEU A 355 17.37 -8.78 9.98
N ASP A 356 17.84 -8.85 11.23
CA ASP A 356 19.17 -9.37 11.54
C ASP A 356 19.38 -10.77 10.99
N LYS A 357 18.47 -11.67 11.30
CA LYS A 357 18.64 -13.08 10.92
C LYS A 357 18.43 -13.30 9.42
N PHE A 358 17.60 -12.47 8.79
CA PHE A 358 17.45 -12.56 7.34
C PHE A 358 18.70 -12.01 6.67
N TRP A 359 19.33 -11.03 7.31
CA TRP A 359 20.62 -10.52 6.85
C TRP A 359 21.63 -11.65 6.91
N ASP A 360 21.67 -12.37 8.03
CA ASP A 360 22.61 -13.48 8.20
C ASP A 360 22.29 -14.66 7.28
N LYS A 361 21.01 -14.92 7.08
CA LYS A 361 20.58 -16.05 6.26
C LYS A 361 20.94 -15.84 4.79
N THR A 362 20.85 -14.60 4.34
CA THR A 362 21.15 -14.26 2.94
C THR A 362 22.58 -13.75 2.78
N ASN A 363 23.13 -13.25 3.88
CA ASN A 363 24.39 -12.50 3.88
C ASN A 363 24.44 -11.47 2.77
N ALA A 364 23.35 -10.72 2.63
CA ALA A 364 23.26 -9.64 1.66
C ALA A 364 24.29 -8.56 1.97
N ASP A 365 24.78 -7.88 0.94
CA ASP A 365 25.75 -6.82 1.11
C ASP A 365 25.10 -5.60 1.75
N LYS A 366 23.82 -5.38 1.43
CA LYS A 366 23.05 -4.28 2.00
C LYS A 366 21.61 -4.73 2.26
N ASN A 367 20.96 -4.12 3.24
CA ASN A 367 19.57 -4.45 3.56
C ASN A 367 18.65 -3.24 3.54
N ILE A 368 17.76 -3.19 2.55
CA ILE A 368 16.84 -2.07 2.40
C ILE A 368 15.54 -2.33 3.14
N VAL A 369 15.16 -1.41 4.03
CA VAL A 369 13.94 -1.55 4.80
C VAL A 369 12.93 -0.48 4.40
N VAL A 370 11.78 -0.91 3.91
CA VAL A 370 10.75 0.01 3.42
C VAL A 370 9.38 -0.36 3.98
N GLY A 371 8.34 0.34 3.52
CA GLY A 371 6.99 0.07 3.97
C GLY A 371 6.57 0.97 5.11
N GLY A 372 5.28 1.02 5.40
CA GLY A 372 4.76 1.88 6.44
C GLY A 372 5.29 1.54 7.83
N GLY A 373 5.77 0.30 7.99
CA GLY A 373 6.32 -0.14 9.26
C GLY A 373 7.56 0.65 9.65
N VAL A 374 8.27 1.15 8.64
CA VAL A 374 9.41 2.04 8.86
C VAL A 374 8.93 3.30 9.58
N LEU A 375 7.69 3.69 9.28
CA LEU A 375 7.11 4.90 9.86
C LEU A 375 6.47 4.64 11.22
N PHE A 376 5.67 3.59 11.31
CA PHE A 376 5.02 3.23 12.58
C PHE A 376 6.07 2.98 13.66
N GLY A 377 7.14 2.28 13.28
CA GLY A 377 8.19 1.95 14.23
C GLY A 377 9.39 2.88 14.11
N TYR A 378 9.19 4.05 13.51
CA TYR A 378 10.27 5.00 13.25
C TYR A 378 11.09 5.34 14.48
N ALA A 379 10.42 5.46 15.62
CA ALA A 379 11.08 5.81 16.88
C ALA A 379 12.25 4.88 17.17
N GLY A 380 12.12 3.62 16.75
CA GLY A 380 13.17 2.64 16.94
C GLY A 380 13.94 2.30 15.67
N LEU A 381 13.25 2.31 14.54
CA LEU A 381 13.85 1.88 13.27
C LEU A 381 14.76 2.92 12.63
N ARG A 382 14.72 4.15 13.14
CA ARG A 382 15.59 5.21 12.62
C ARG A 382 17.05 4.95 13.03
N ASP A 383 17.25 4.00 13.93
CA ASP A 383 18.59 3.58 14.31
C ASP A 383 19.31 2.90 13.15
N LEU A 384 18.53 2.37 12.21
CA LEU A 384 19.11 1.66 11.06
C LEU A 384 19.83 2.62 10.12
N LYS A 385 19.56 3.91 10.28
CA LYS A 385 20.26 4.94 9.52
C LYS A 385 21.74 4.98 9.90
N GLU A 386 22.03 4.73 11.18
CA GLU A 386 23.40 4.80 11.68
C GLU A 386 24.17 3.50 11.44
N GLN A 387 23.46 2.46 10.98
CA GLN A 387 24.11 1.18 10.72
C GLN A 387 24.48 1.02 9.25
N ASP A 388 25.74 0.70 9.00
CA ASP A 388 26.16 0.26 7.68
C ASP A 388 25.54 -1.11 7.43
N GLY A 389 25.08 -1.36 6.21
CA GLY A 389 24.42 -2.61 5.90
C GLY A 389 22.91 -2.47 5.80
N PHE A 390 22.38 -1.39 6.38
CA PHE A 390 20.95 -1.09 6.26
C PHE A 390 20.73 0.21 5.52
N ILE A 391 19.72 0.23 4.65
CA ILE A 391 19.38 1.43 3.90
C ILE A 391 17.90 1.78 4.05
N LEU A 392 17.62 2.95 4.60
CA LEU A 392 16.26 3.47 4.65
C LEU A 392 16.09 4.49 3.53
N PRO A 393 14.86 4.62 3.00
CA PRO A 393 14.61 5.63 1.97
C PRO A 393 14.98 7.03 2.43
N LYS A 394 15.70 7.76 1.59
CA LYS A 394 16.08 9.14 1.88
C LYS A 394 14.84 9.99 2.08
N ASN A 395 13.94 9.93 1.10
CA ASN A 395 12.62 10.54 1.21
C ASN A 395 11.70 9.66 2.04
N ILE A 396 12.05 9.50 3.32
CA ILE A 396 11.48 8.45 4.16
C ILE A 396 9.96 8.58 4.38
N GLN A 397 9.40 9.76 4.12
CA GLN A 397 7.97 9.95 4.32
C GLN A 397 7.15 9.27 3.22
N GLU A 398 7.83 8.71 2.23
CA GLU A 398 7.16 7.96 1.17
C GLU A 398 7.48 6.47 1.24
N SER A 399 7.91 6.04 2.43
CA SER A 399 8.30 4.64 2.64
C SER A 399 7.13 3.67 2.48
N ALA A 400 5.92 4.11 2.83
CA ALA A 400 4.74 3.26 2.76
C ALA A 400 4.43 2.84 1.32
N TYR A 401 4.63 3.76 0.38
CA TYR A 401 4.33 3.49 -1.02
C TYR A 401 5.57 3.15 -1.83
N PHE A 402 6.62 2.69 -1.14
CA PHE A 402 7.90 2.41 -1.79
C PHE A 402 7.75 1.48 -2.98
N THR A 403 7.01 0.41 -2.81
CA THR A 403 6.89 -0.62 -3.83
C THR A 403 6.06 -0.15 -5.02
N SER A 404 4.93 0.49 -4.76
CA SER A 404 4.09 1.01 -5.84
C SER A 404 4.82 2.13 -6.57
N ARG A 405 5.56 2.95 -5.82
CA ARG A 405 6.38 3.99 -6.42
C ARG A 405 7.50 3.38 -7.26
N SER A 406 8.05 2.26 -6.79
CA SER A 406 9.07 1.52 -7.54
C SER A 406 8.48 0.96 -8.83
N TYR A 407 7.27 0.42 -8.74
CA TYR A 407 6.60 -0.14 -9.91
C TYR A 407 6.23 0.93 -10.91
N LEU A 408 5.93 2.13 -10.41
CA LEU A 408 5.64 3.26 -11.28
C LEU A 408 6.87 3.67 -12.08
N ILE A 409 8.01 3.73 -11.40
CA ILE A 409 9.27 4.13 -12.03
C ILE A 409 9.71 3.09 -13.05
N ALA A 410 9.50 1.81 -12.74
CA ALA A 410 9.79 0.73 -13.67
C ALA A 410 8.94 0.86 -14.93
N ASN A 411 7.71 1.35 -14.76
CA ASN A 411 6.77 1.46 -15.84
C ASN A 411 7.08 2.64 -16.78
N LEU A 412 7.46 3.77 -16.19
CA LEU A 412 7.81 4.94 -16.99
C LEU A 412 9.02 4.62 -17.87
N LEU A 413 9.95 3.85 -17.32
CA LEU A 413 11.13 3.43 -18.07
C LEU A 413 10.74 2.47 -19.19
N GLU A 414 9.74 1.63 -18.94
CA GLU A 414 9.25 0.68 -19.93
C GLU A 414 8.68 1.42 -21.15
N GLN A 415 8.13 2.61 -20.90
CA GLN A 415 7.55 3.43 -21.97
C GLN A 415 8.61 4.20 -22.74
N LEU A 416 9.88 3.94 -22.44
CA LEU A 416 10.98 4.62 -23.12
C LEU A 416 11.98 3.61 -23.69
MG MG B . 2.77 -3.86 0.83
PG ANP C . 0.69 -5.31 3.61
O1G ANP C . 0.88 -6.31 4.69
O2G ANP C . 2.09 -4.76 3.14
O3G ANP C . -0.03 -6.00 2.38
PB ANP C . 0.22 -2.55 3.58
O1B ANP C . -0.98 -1.87 2.88
O2B ANP C . 1.33 -2.74 2.60
N3B ANP C . -0.29 -4.04 4.18
PA ANP C . 1.68 -0.43 4.63
O1A ANP C . 1.17 0.55 3.64
O2A ANP C . 3.07 -0.97 4.30
O3A ANP C . 0.71 -1.68 4.79
O5' ANP C . 1.65 0.23 6.06
C5' ANP C . 2.23 -0.46 7.18
C4' ANP C . 1.81 0.21 8.47
O4' ANP C . 2.45 1.50 8.59
C3' ANP C . 0.31 0.45 8.64
O3' ANP C . -0.08 0.15 9.97
C2' ANP C . 0.17 1.95 8.34
O2' ANP C . -0.97 2.53 8.95
C1' ANP C . 1.46 2.45 8.96
N9 ANP C . 1.88 3.77 8.50
C8 ANP C . 1.88 4.27 7.23
N7 ANP C . 2.30 5.51 7.13
C5 ANP C . 2.61 5.84 8.44
C6 ANP C . 3.12 7.03 9.02
N6 ANP C . 3.42 8.13 8.33
N1 ANP C . 3.33 7.04 10.36
C2 ANP C . 3.03 5.94 11.06
N3 ANP C . 2.55 4.77 10.63
C4 ANP C . 2.36 4.79 9.30
#